data_1QBZ
#
_entry.id   1QBZ
#
_cell.length_a   91.124
_cell.length_b   47.206
_cell.length_c   77.465
_cell.angle_alpha   90.00
_cell.angle_beta   100.83
_cell.angle_gamma   90.00
#
_symmetry.space_group_name_H-M   'C 1 2 1'
#
loop_
_entity.id
_entity.type
_entity.pdbx_description
1 polymer 'PROTEIN (SIV GP41 ECTODOMAIN)'
2 non-polymer 'MERCURY (II) ION'
3 non-polymer (4R)-2-METHYLPENTANE-2,4-DIOL
4 non-polymer 'CHLORIDE ION'
5 water water
#
_entity_poly.entity_id   1
_entity_poly.type   'polypeptide(L)'
_entity_poly.pdbx_seq_one_letter_code
;AQSRTLLAGIVQQQQQLLDVVKRQQELLRLTVWGTKNLQTRVTAIEKYLKDQAQLNAWGAAFRQVAHTTVPWPNASLTPK
WNNETWQEWERKVDFLEENITALLEEAQIQQEKNMYELQKLNS
;
_entity_poly.pdbx_strand_id   A,B,C
#
loop_
_chem_comp.id
_chem_comp.type
_chem_comp.name
_chem_comp.formula
CL non-polymer 'CHLORIDE ION' 'Cl -1'
HG non-polymer 'MERCURY (II) ION' 'Hg 2'
MRD non-polymer (4R)-2-METHYLPENTANE-2,4-DIOL 'C6 H14 O2'
#
# COMPACT_ATOMS: atom_id res chain seq x y z
N GLN A 2 12.81 -39.06 5.92
CA GLN A 2 12.57 -39.01 7.37
C GLN A 2 11.87 -37.70 7.71
N SER A 3 12.74 -36.70 7.89
CA SER A 3 12.34 -35.31 7.96
C SER A 3 11.99 -34.80 6.55
N ARG A 4 12.14 -35.67 5.57
CA ARG A 4 11.83 -35.39 4.17
C ARG A 4 10.46 -34.75 4.01
N THR A 5 9.46 -35.36 4.65
CA THR A 5 8.12 -34.81 4.41
C THR A 5 7.96 -33.39 4.94
N LEU A 6 8.45 -33.19 6.17
CA LEU A 6 8.41 -31.83 6.70
C LEU A 6 9.22 -30.93 5.80
N LEU A 7 10.35 -31.46 5.32
CA LEU A 7 11.18 -30.58 4.48
C LEU A 7 10.44 -30.18 3.23
N ALA A 8 9.67 -31.15 2.68
CA ALA A 8 8.95 -30.87 1.46
C ALA A 8 7.95 -29.74 1.66
N GLY A 9 7.26 -29.90 2.77
CA GLY A 9 6.31 -28.93 3.25
C GLY A 9 6.89 -27.56 3.54
N ILE A 10 8.09 -27.47 4.08
CA ILE A 10 8.76 -26.19 4.27
C ILE A 10 9.10 -25.52 2.95
N VAL A 11 9.63 -26.30 1.99
CA VAL A 11 10.03 -25.75 0.70
C VAL A 11 8.77 -25.24 0.02
N GLN A 12 7.68 -25.99 0.16
CA GLN A 12 6.44 -25.58 -0.50
C GLN A 12 5.84 -24.32 0.11
N GLN A 13 6.00 -24.19 1.42
CA GLN A 13 5.48 -22.99 2.08
C GLN A 13 6.33 -21.80 1.74
N GLN A 14 7.61 -22.03 1.42
CA GLN A 14 8.40 -20.88 0.99
C GLN A 14 7.92 -20.35 -0.37
N GLN A 15 7.61 -21.27 -1.28
CA GLN A 15 7.03 -20.83 -2.55
C GLN A 15 5.71 -20.12 -2.29
N GLN A 16 4.92 -20.59 -1.33
CA GLN A 16 3.63 -19.96 -1.06
C GLN A 16 3.78 -18.55 -0.54
N LEU A 17 4.73 -18.33 0.37
CA LEU A 17 5.08 -17.04 0.87
C LEU A 17 5.62 -16.09 -0.22
N LEU A 18 6.47 -16.66 -1.09
CA LEU A 18 6.99 -15.91 -2.19
C LEU A 18 5.88 -15.44 -3.11
N ASP A 19 4.90 -16.32 -3.31
CA ASP A 19 3.74 -15.95 -4.13
C ASP A 19 2.88 -14.85 -3.55
N VAL A 20 2.69 -14.91 -2.22
CA VAL A 20 1.99 -13.80 -1.56
C VAL A 20 2.71 -12.49 -1.76
N VAL A 21 4.00 -12.43 -1.53
CA VAL A 21 4.74 -11.17 -1.63
C VAL A 21 4.81 -10.70 -3.07
N LYS A 22 4.84 -11.59 -4.07
CA LYS A 22 4.79 -11.13 -5.45
C LYS A 22 3.46 -10.41 -5.73
N ARG A 23 2.34 -10.97 -5.29
CA ARG A 23 1.00 -10.42 -5.47
C ARG A 23 0.88 -9.12 -4.68
N GLN A 24 1.45 -9.11 -3.47
CA GLN A 24 1.39 -7.88 -2.67
C GLN A 24 2.19 -6.75 -3.36
N GLN A 25 3.30 -7.14 -4.02
CA GLN A 25 4.00 -6.10 -4.77
C GLN A 25 3.19 -5.57 -5.94
N GLU A 26 2.46 -6.43 -6.66
CA GLU A 26 1.63 -5.95 -7.76
C GLU A 26 0.55 -5.02 -7.20
N LEU A 27 -0.03 -5.34 -6.06
CA LEU A 27 -1.07 -4.51 -5.45
C LEU A 27 -0.47 -3.16 -4.99
N LEU A 28 0.73 -3.24 -4.36
CA LEU A 28 1.41 -2.02 -3.93
C LEU A 28 1.76 -1.15 -5.13
N ARG A 29 2.18 -1.73 -6.27
CA ARG A 29 2.52 -0.89 -7.43
C ARG A 29 1.27 -0.15 -7.93
N LEU A 30 0.12 -0.83 -7.90
CA LEU A 30 -1.11 -0.20 -8.31
C LEU A 30 -1.52 0.92 -7.37
N THR A 31 -1.26 0.71 -6.09
CA THR A 31 -1.61 1.72 -5.10
C THR A 31 -0.70 2.93 -5.26
N VAL A 32 0.58 2.70 -5.56
CA VAL A 32 1.52 3.78 -5.81
C VAL A 32 1.09 4.51 -7.07
N TRP A 33 0.68 3.80 -8.12
CA TRP A 33 0.20 4.48 -9.34
C TRP A 33 -0.94 5.41 -8.92
N GLY A 34 -1.90 4.90 -8.16
CA GLY A 34 -3.08 5.67 -7.83
C GLY A 34 -2.75 6.92 -6.98
N THR A 35 -1.77 6.78 -6.10
CA THR A 35 -1.26 7.91 -5.34
C THR A 35 -0.69 8.97 -6.26
N LYS A 36 0.10 8.52 -7.23
CA LYS A 36 0.69 9.47 -8.20
C LYS A 36 -0.39 10.17 -9.00
N ASN A 37 -1.34 9.40 -9.50
CA ASN A 37 -2.41 9.99 -10.27
C ASN A 37 -3.20 11.03 -9.48
N LEU A 38 -3.55 10.67 -8.25
CA LEU A 38 -4.21 11.65 -7.38
C LEU A 38 -3.36 12.87 -7.06
N GLN A 39 -2.08 12.70 -6.76
CA GLN A 39 -1.19 13.80 -6.48
C GLN A 39 -1.15 14.80 -7.65
N THR A 40 -1.05 14.29 -8.87
CA THR A 40 -1.08 15.19 -10.05
C THR A 40 -2.41 15.95 -10.13
N ARG A 41 -3.55 15.25 -9.93
CA ARG A 41 -4.86 15.92 -9.97
C ARG A 41 -5.09 16.92 -8.84
N VAL A 42 -4.58 16.58 -7.65
CA VAL A 42 -4.76 17.57 -6.55
C VAL A 42 -3.88 18.79 -6.79
N THR A 43 -2.65 18.59 -7.27
CA THR A 43 -1.79 19.70 -7.67
C THR A 43 -2.46 20.62 -8.68
N ALA A 44 -3.10 20.04 -9.71
CA ALA A 44 -3.83 20.77 -10.74
C ALA A 44 -4.97 21.61 -10.12
N ILE A 45 -5.68 20.98 -9.19
CA ILE A 45 -6.77 21.69 -8.52
C ILE A 45 -6.28 22.86 -7.71
N GLU A 46 -5.19 22.67 -6.97
CA GLU A 46 -4.57 23.74 -6.17
C GLU A 46 -4.12 24.87 -7.06
N LYS A 47 -3.52 24.53 -8.20
CA LYS A 47 -3.02 25.56 -9.14
C LYS A 47 -4.21 26.34 -9.71
N TYR A 48 -5.27 25.60 -10.04
CA TYR A 48 -6.44 26.27 -10.58
C TYR A 48 -7.06 27.24 -9.60
N LEU A 49 -7.22 26.80 -8.36
CA LEU A 49 -7.79 27.64 -7.33
C LEU A 49 -6.97 28.89 -7.02
N LYS A 50 -5.65 28.74 -7.03
CA LYS A 50 -4.76 29.90 -6.87
C LYS A 50 -4.91 30.85 -8.03
N ASP A 51 -4.89 30.32 -9.23
CA ASP A 51 -5.09 31.18 -10.40
C ASP A 51 -6.39 32.00 -10.32
N GLN A 52 -7.47 31.25 -9.95
CA GLN A 52 -8.77 31.84 -9.87
C GLN A 52 -8.81 32.92 -8.78
N ALA A 53 -8.21 32.63 -7.64
CA ALA A 53 -8.09 33.58 -6.56
C ALA A 53 -7.37 34.86 -6.99
N GLN A 54 -6.23 34.72 -7.66
CA GLN A 54 -5.49 35.88 -8.13
C GLN A 54 -6.30 36.74 -9.11
N LEU A 55 -7.04 36.12 -10.01
CA LEU A 55 -7.87 36.82 -10.98
C LEU A 55 -8.94 37.58 -10.20
N ASN A 56 -9.59 36.88 -9.29
CA ASN A 56 -10.65 37.51 -8.54
C ASN A 56 -10.22 38.72 -7.73
N ALA A 57 -9.03 38.56 -7.17
CA ALA A 57 -8.44 39.62 -6.32
C ALA A 57 -8.01 40.81 -7.18
N TRP A 58 -7.68 40.56 -8.45
CA TRP A 58 -7.24 41.65 -9.32
C TRP A 58 -8.37 42.64 -9.63
N GLY A 59 -9.57 42.12 -9.78
CA GLY A 59 -10.80 42.85 -9.93
C GLY A 59 -11.30 43.38 -8.59
N THR A 78 4.23 27.20 -1.45
CA THR A 78 3.29 26.08 -1.37
C THR A 78 3.55 25.07 -2.50
N PRO A 79 3.44 25.46 -3.77
CA PRO A 79 3.59 24.52 -4.88
C PRO A 79 5.02 23.98 -4.96
N LYS A 80 5.98 24.87 -4.75
CA LYS A 80 7.40 24.60 -4.71
C LYS A 80 7.74 23.41 -3.80
N TRP A 81 7.44 23.59 -2.54
CA TRP A 81 7.66 22.71 -1.41
C TRP A 81 7.06 21.34 -1.66
N ASN A 82 5.77 21.40 -2.00
CA ASN A 82 5.05 20.16 -2.30
C ASN A 82 5.75 19.46 -3.45
N ASN A 83 6.09 20.21 -4.50
CA ASN A 83 6.69 19.52 -5.65
C ASN A 83 7.98 18.83 -5.29
N GLU A 84 8.82 19.49 -4.49
CA GLU A 84 10.12 18.91 -4.13
C GLU A 84 9.99 17.75 -3.17
N THR A 85 9.09 17.83 -2.21
CA THR A 85 8.86 16.75 -1.28
C THR A 85 8.36 15.53 -2.04
N TRP A 86 7.46 15.71 -2.99
CA TRP A 86 6.91 14.62 -3.81
C TRP A 86 7.96 14.15 -4.81
N GLN A 87 8.87 15.03 -5.21
CA GLN A 87 9.97 14.52 -6.01
C GLN A 87 10.79 13.50 -5.27
N GLU A 88 11.08 13.80 -4.02
CA GLU A 88 11.83 12.90 -3.14
C GLU A 88 11.07 11.59 -2.98
N TRP A 89 9.76 11.78 -2.78
CA TRP A 89 8.93 10.59 -2.51
C TRP A 89 9.04 9.68 -3.74
N GLU A 90 8.95 10.29 -4.91
CA GLU A 90 8.99 9.53 -6.15
C GLU A 90 10.29 8.78 -6.31
N ARG A 91 11.40 9.44 -6.02
CA ARG A 91 12.72 8.78 -6.14
C ARG A 91 12.84 7.52 -5.29
N LYS A 92 12.41 7.64 -4.03
CA LYS A 92 12.38 6.60 -3.04
C LYS A 92 11.49 5.46 -3.52
N VAL A 93 10.27 5.81 -3.91
CA VAL A 93 9.31 4.78 -4.28
C VAL A 93 9.86 4.00 -5.43
N ASP A 94 10.41 4.81 -6.33
CA ASP A 94 10.90 4.21 -7.57
C ASP A 94 12.08 3.29 -7.29
N PHE A 95 12.96 3.69 -6.38
CA PHE A 95 14.09 2.85 -6.03
C PHE A 95 13.58 1.51 -5.48
N LEU A 96 12.65 1.64 -4.53
CA LEU A 96 12.15 0.45 -3.85
C LEU A 96 11.43 -0.53 -4.74
N GLU A 97 10.64 0.02 -5.68
CA GLU A 97 9.97 -0.83 -6.64
C GLU A 97 11.00 -1.64 -7.42
N GLU A 98 12.01 -0.96 -7.92
CA GLU A 98 13.02 -1.68 -8.70
C GLU A 98 13.70 -2.74 -7.86
N ASN A 99 14.04 -2.34 -6.64
CA ASN A 99 14.84 -3.20 -5.76
C ASN A 99 14.08 -4.45 -5.38
N ILE A 100 12.80 -4.22 -5.08
CA ILE A 100 12.00 -5.39 -4.66
C ILE A 100 11.78 -6.33 -5.83
N THR A 101 11.62 -5.81 -7.05
CA THR A 101 11.48 -6.72 -8.17
C THR A 101 12.69 -7.60 -8.33
N ALA A 102 13.86 -6.98 -8.20
CA ALA A 102 15.07 -7.77 -8.33
C ALA A 102 15.16 -8.77 -7.17
N LEU A 103 14.86 -8.39 -5.94
CA LEU A 103 14.91 -9.32 -4.82
C LEU A 103 13.97 -10.49 -5.02
N LEU A 104 12.81 -10.25 -5.59
CA LEU A 104 11.83 -11.31 -5.81
C LEU A 104 12.33 -12.33 -6.82
N GLU A 105 12.98 -11.79 -7.86
CA GLU A 105 13.51 -12.67 -8.86
C GLU A 105 14.63 -13.52 -8.26
N GLU A 106 15.48 -12.93 -7.42
CA GLU A 106 16.54 -13.71 -6.74
C GLU A 106 15.94 -14.80 -5.85
N ALA A 107 14.84 -14.47 -5.19
CA ALA A 107 14.15 -15.40 -4.29
C ALA A 107 13.62 -16.59 -5.05
N GLN A 108 13.18 -16.30 -6.27
CA GLN A 108 12.60 -17.35 -7.11
C GLN A 108 13.68 -18.29 -7.55
N ILE A 109 14.81 -17.68 -7.87
CA ILE A 109 15.93 -18.54 -8.27
C ILE A 109 16.38 -19.40 -7.10
N GLN A 110 16.42 -18.85 -5.88
CA GLN A 110 16.91 -19.69 -4.78
C GLN A 110 15.91 -20.78 -4.45
N GLN A 111 14.65 -20.45 -4.69
CA GLN A 111 13.57 -21.40 -4.50
C GLN A 111 13.76 -22.61 -5.42
N GLU A 112 14.09 -22.36 -6.66
CA GLU A 112 14.34 -23.41 -7.64
C GLU A 112 15.55 -24.20 -7.17
N LYS A 113 16.61 -23.57 -6.66
CA LYS A 113 17.74 -24.33 -6.16
C LYS A 113 17.37 -25.25 -5.00
N ASN A 114 16.58 -24.71 -4.07
CA ASN A 114 16.21 -25.50 -2.90
C ASN A 114 15.37 -26.70 -3.31
N MET A 115 14.50 -26.50 -4.28
CA MET A 115 13.76 -27.62 -4.82
C MET A 115 14.71 -28.68 -5.40
N TYR A 116 15.79 -28.26 -6.11
CA TYR A 116 16.63 -29.31 -6.63
C TYR A 116 17.34 -30.07 -5.51
N GLU A 117 17.72 -29.30 -4.51
CA GLU A 117 18.52 -29.96 -3.48
C GLU A 117 17.67 -30.97 -2.74
N LEU A 118 16.40 -30.63 -2.59
CA LEU A 118 15.46 -31.56 -1.94
C LEU A 118 15.31 -32.80 -2.83
N GLN A 119 15.43 -32.50 -4.12
CA GLN A 119 15.36 -33.55 -5.11
C GLN A 119 16.43 -34.61 -4.93
N LYS A 120 17.63 -34.12 -4.64
CA LYS A 120 18.83 -34.95 -4.43
C LYS A 120 18.58 -35.84 -3.21
N LEU A 121 17.73 -35.33 -2.33
CA LEU A 121 17.29 -35.97 -1.10
C LEU A 121 16.20 -37.00 -1.39
N GLN B 2 19.40 -33.80 16.16
CA GLN B 2 20.58 -32.95 15.95
C GLN B 2 20.21 -31.77 15.06
N SER B 3 19.29 -32.04 14.15
CA SER B 3 18.72 -30.98 13.31
C SER B 3 17.37 -30.48 13.80
N ARG B 4 16.84 -31.15 14.84
CA ARG B 4 15.50 -30.78 15.29
C ARG B 4 15.36 -29.31 15.63
N THR B 5 16.33 -28.74 16.32
CA THR B 5 16.25 -27.36 16.77
C THR B 5 16.12 -26.39 15.62
N LEU B 6 16.99 -26.65 14.65
CA LEU B 6 16.95 -25.80 13.47
C LEU B 6 15.61 -25.93 12.74
N LEU B 7 15.09 -27.15 12.63
CA LEU B 7 13.84 -27.39 11.91
C LEU B 7 12.66 -26.68 12.55
N ALA B 8 12.59 -26.80 13.89
CA ALA B 8 11.63 -26.07 14.69
C ALA B 8 11.74 -24.55 14.48
N GLY B 9 12.98 -24.04 14.39
CA GLY B 9 13.15 -22.60 14.24
C GLY B 9 12.80 -22.15 12.85
N ILE B 10 12.99 -23.03 11.87
CA ILE B 10 12.58 -22.74 10.50
C ILE B 10 11.06 -22.68 10.40
N VAL B 11 10.37 -23.66 10.97
CA VAL B 11 8.91 -23.68 10.99
C VAL B 11 8.39 -22.47 11.74
N GLN B 12 9.08 -22.12 12.83
CA GLN B 12 8.70 -20.92 13.60
C GLN B 12 8.85 -19.64 12.77
N GLN B 13 9.94 -19.57 12.03
CA GLN B 13 10.21 -18.40 11.20
C GLN B 13 9.18 -18.30 10.08
N GLN B 14 8.74 -19.43 9.55
CA GLN B 14 7.67 -19.42 8.59
C GLN B 14 6.40 -18.83 9.17
N GLN B 15 6.04 -19.19 10.40
CA GLN B 15 4.90 -18.54 11.04
C GLN B 15 5.12 -17.05 11.19
N GLN B 16 6.34 -16.64 11.56
CA GLN B 16 6.66 -15.22 11.73
C GLN B 16 6.48 -14.43 10.44
N LEU B 17 7.03 -15.00 9.37
CA LEU B 17 6.89 -14.32 8.06
C LEU B 17 5.44 -14.30 7.62
N LEU B 18 4.72 -15.39 7.80
CA LEU B 18 3.30 -15.33 7.53
C LEU B 18 2.57 -14.27 8.31
N ASP B 19 2.88 -14.13 9.60
CA ASP B 19 2.27 -13.09 10.38
C ASP B 19 2.56 -11.71 9.81
N VAL B 20 3.84 -11.49 9.42
CA VAL B 20 4.20 -10.20 8.83
C VAL B 20 3.39 -9.93 7.60
N VAL B 21 3.31 -10.90 6.68
CA VAL B 21 2.60 -10.62 5.44
C VAL B 21 1.11 -10.49 5.65
N LYS B 22 0.53 -11.22 6.62
CA LYS B 22 -0.89 -10.96 6.92
C LYS B 22 -1.12 -9.55 7.40
N ARG B 23 -0.30 -9.07 8.32
CA ARG B 23 -0.47 -7.70 8.82
C ARG B 23 -0.12 -6.67 7.77
N GLN B 24 0.86 -6.93 6.92
CA GLN B 24 1.09 -6.07 5.78
C GLN B 24 -0.14 -6.05 4.84
N GLN B 25 -0.83 -7.18 4.64
CA GLN B 25 -2.04 -7.15 3.85
C GLN B 25 -3.14 -6.25 4.46
N GLU B 26 -3.26 -6.29 5.77
CA GLU B 26 -4.24 -5.42 6.44
C GLU B 26 -3.92 -3.95 6.19
N LEU B 27 -2.63 -3.60 6.29
CA LEU B 27 -2.25 -2.20 6.07
C LEU B 27 -2.41 -1.80 4.61
N LEU B 28 -2.11 -2.72 3.72
CA LEU B 28 -2.32 -2.48 2.28
C LEU B 28 -3.80 -2.28 1.98
N ARG B 29 -4.65 -3.10 2.59
CA ARG B 29 -6.09 -2.91 2.37
C ARG B 29 -6.57 -1.55 2.83
N LEU B 30 -6.06 -1.10 3.98
CA LEU B 30 -6.45 0.24 4.48
C LEU B 30 -5.94 1.34 3.56
N THR B 31 -4.76 1.12 2.96
CA THR B 31 -4.25 2.06 2.01
C THR B 31 -5.05 2.14 0.73
N VAL B 32 -5.54 1.01 0.29
CA VAL B 32 -6.37 0.91 -0.89
C VAL B 32 -7.72 1.60 -0.60
N TRP B 33 -8.26 1.39 0.61
CA TRP B 33 -9.50 2.04 0.99
C TRP B 33 -9.26 3.54 0.85
N GLY B 34 -8.17 4.05 1.46
CA GLY B 34 -7.92 5.48 1.50
C GLY B 34 -7.86 6.02 0.08
N THR B 35 -7.15 5.30 -0.78
CA THR B 35 -7.02 5.70 -2.20
C THR B 35 -8.38 5.79 -2.87
N LYS B 36 -9.23 4.78 -2.68
CA LYS B 36 -10.58 4.85 -3.22
C LYS B 36 -11.36 6.05 -2.72
N ASN B 37 -11.35 6.28 -1.43
CA ASN B 37 -12.06 7.37 -0.78
C ASN B 37 -11.60 8.70 -1.37
N LEU B 38 -10.29 8.86 -1.49
CA LEU B 38 -9.76 10.10 -2.07
C LEU B 38 -10.14 10.26 -3.56
N GLN B 39 -10.11 9.15 -4.29
CA GLN B 39 -10.46 9.23 -5.70
C GLN B 39 -11.88 9.76 -5.88
N THR B 40 -12.80 9.30 -5.07
CA THR B 40 -14.20 9.74 -5.18
C THR B 40 -14.34 11.20 -4.82
N ARG B 41 -13.59 11.66 -3.81
CA ARG B 41 -13.61 13.05 -3.41
C ARG B 41 -12.89 13.98 -4.37
N VAL B 42 -11.79 13.50 -4.97
CA VAL B 42 -11.14 14.35 -6.02
C VAL B 42 -12.01 14.46 -7.28
N THR B 43 -12.65 13.35 -7.72
CA THR B 43 -13.60 13.38 -8.83
C THR B 43 -14.75 14.36 -8.53
N ALA B 44 -15.26 14.36 -7.30
CA ALA B 44 -16.33 15.31 -6.96
C ALA B 44 -15.88 16.74 -7.07
N ILE B 45 -14.67 17.01 -6.62
CA ILE B 45 -14.10 18.37 -6.70
C ILE B 45 -13.95 18.79 -8.17
N GLU B 46 -13.43 17.92 -9.02
CA GLU B 46 -13.26 18.22 -10.44
C GLU B 46 -14.60 18.50 -11.10
N LYS B 47 -15.62 17.68 -10.82
CA LYS B 47 -16.99 17.86 -11.29
C LYS B 47 -17.58 19.21 -10.86
N TYR B 48 -17.36 19.49 -9.57
CA TYR B 48 -17.83 20.77 -8.98
C TYR B 48 -17.25 21.95 -9.73
N LEU B 49 -15.89 21.90 -9.88
CA LEU B 49 -15.24 23.04 -10.52
C LEU B 49 -15.60 23.14 -11.97
N LYS B 50 -15.75 22.03 -12.68
CA LYS B 50 -16.21 22.16 -14.06
C LYS B 50 -17.61 22.76 -14.18
N ASP B 51 -18.49 22.36 -13.24
CA ASP B 51 -19.84 22.93 -13.25
C ASP B 51 -19.83 24.42 -12.98
N GLN B 52 -19.02 24.83 -12.02
CA GLN B 52 -18.91 26.27 -11.72
C GLN B 52 -18.30 27.06 -12.86
N ALA B 53 -17.30 26.51 -13.55
CA ALA B 53 -16.76 27.14 -14.75
C ALA B 53 -17.77 27.30 -15.86
N GLN B 54 -18.57 26.25 -16.08
CA GLN B 54 -19.59 26.35 -17.12
C GLN B 54 -20.60 27.43 -16.70
N LEU B 55 -21.02 27.48 -15.44
CA LEU B 55 -22.01 28.49 -15.02
C LEU B 55 -21.48 29.90 -15.23
N ASN B 56 -20.20 30.09 -14.92
CA ASN B 56 -19.54 31.39 -15.16
C ASN B 56 -19.48 31.79 -16.62
N ALA B 57 -19.12 30.80 -17.42
CA ALA B 57 -19.07 30.96 -18.86
C ALA B 57 -20.40 31.50 -19.36
N TRP B 58 -21.49 30.97 -18.82
CA TRP B 58 -22.82 31.43 -19.22
C TRP B 58 -23.00 32.91 -18.93
N GLY B 59 -22.24 33.39 -17.95
CA GLY B 59 -22.21 34.83 -17.59
C GLY B 59 -21.51 35.66 -18.68
N THR B 68 -12.70 38.07 -15.95
CA THR B 68 -13.68 37.01 -16.19
C THR B 68 -13.40 35.79 -15.32
N THR B 69 -13.75 34.61 -15.84
CA THR B 69 -13.63 33.41 -15.03
C THR B 69 -12.79 32.35 -15.76
N VAL B 70 -11.72 31.98 -15.07
CA VAL B 70 -10.74 31.02 -15.53
C VAL B 70 -11.42 29.72 -15.94
N PRO B 71 -11.28 29.50 -17.25
CA PRO B 71 -11.79 28.28 -17.88
C PRO B 71 -11.21 27.05 -17.22
N TRP B 72 -12.08 26.10 -16.90
CA TRP B 72 -11.61 24.84 -16.30
C TRP B 72 -10.85 24.15 -17.44
N PRO B 73 -9.55 24.01 -17.21
CA PRO B 73 -8.69 23.59 -18.30
C PRO B 73 -8.90 22.19 -18.83
N ASN B 74 -9.44 21.23 -18.07
CA ASN B 74 -9.34 19.88 -18.62
C ASN B 74 -10.20 19.62 -19.85
N ALA B 75 -9.81 18.54 -20.56
CA ALA B 75 -10.51 18.13 -21.78
C ALA B 75 -11.84 17.42 -21.54
N SER B 76 -12.76 17.66 -22.48
CA SER B 76 -14.14 17.23 -22.43
C SER B 76 -14.32 15.78 -21.96
N LEU B 77 -13.42 14.98 -22.47
CA LEU B 77 -13.24 13.55 -22.44
C LEU B 77 -12.63 13.11 -21.14
N THR B 78 -12.05 14.13 -20.45
CA THR B 78 -11.29 13.72 -19.24
C THR B 78 -12.09 12.96 -18.22
N PRO B 79 -13.30 13.33 -17.83
CA PRO B 79 -14.07 12.55 -16.85
C PRO B 79 -14.32 11.10 -17.21
N LYS B 80 -14.66 10.86 -18.46
CA LYS B 80 -14.87 9.49 -18.98
C LYS B 80 -13.59 8.68 -18.85
N TRP B 81 -12.52 9.29 -19.35
CA TRP B 81 -11.23 8.60 -19.27
C TRP B 81 -10.83 8.28 -17.84
N ASN B 82 -10.94 9.27 -16.93
CA ASN B 82 -10.56 8.97 -15.57
C ASN B 82 -11.45 7.90 -14.97
N ASN B 83 -12.73 7.89 -15.29
CA ASN B 83 -13.69 6.91 -14.80
C ASN B 83 -13.33 5.52 -15.31
N GLU B 84 -13.04 5.43 -16.60
CA GLU B 84 -12.72 4.13 -17.16
C GLU B 84 -11.40 3.64 -16.59
N THR B 85 -10.40 4.51 -16.50
CA THR B 85 -9.09 4.07 -15.94
C THR B 85 -9.21 3.56 -14.52
N TRP B 86 -9.97 4.26 -13.68
CA TRP B 86 -10.06 3.85 -12.25
C TRP B 86 -10.97 2.66 -12.07
N GLN B 87 -11.88 2.46 -13.02
CA GLN B 87 -12.71 1.27 -12.96
C GLN B 87 -11.83 0.06 -13.24
N GLU B 88 -10.87 0.21 -14.15
CA GLU B 88 -9.88 -0.83 -14.41
C GLU B 88 -9.01 -1.11 -13.19
N TRP B 89 -8.60 -0.01 -12.58
CA TRP B 89 -7.82 0.00 -11.36
C TRP B 89 -8.63 -0.75 -10.29
N GLU B 90 -9.91 -0.43 -10.13
CA GLU B 90 -10.70 -1.09 -9.08
C GLU B 90 -10.75 -2.58 -9.33
N ARG B 91 -10.99 -2.98 -10.59
CA ARG B 91 -11.08 -4.40 -10.92
C ARG B 91 -9.77 -5.13 -10.62
N LYS B 92 -8.63 -4.52 -10.95
CA LYS B 92 -7.35 -5.15 -10.69
C LYS B 92 -7.04 -5.26 -9.19
N VAL B 93 -7.23 -4.16 -8.45
CA VAL B 93 -6.96 -4.17 -7.01
C VAL B 93 -7.90 -5.09 -6.25
N ASP B 94 -9.18 -5.16 -6.65
CA ASP B 94 -10.11 -6.04 -5.93
C ASP B 94 -9.77 -7.51 -6.21
N PHE B 95 -9.30 -7.80 -7.42
CA PHE B 95 -8.89 -9.17 -7.70
C PHE B 95 -7.66 -9.56 -6.90
N LEU B 96 -6.69 -8.62 -6.87
CA LEU B 96 -5.47 -8.93 -6.12
C LEU B 96 -5.78 -9.12 -4.65
N GLU B 97 -6.71 -8.32 -4.10
CA GLU B 97 -7.05 -8.51 -2.70
C GLU B 97 -7.69 -9.86 -2.44
N GLU B 98 -8.61 -10.27 -3.30
CA GLU B 98 -9.19 -11.59 -3.15
C GLU B 98 -8.17 -12.72 -3.29
N ASN B 99 -7.28 -12.59 -4.27
CA ASN B 99 -6.25 -13.63 -4.48
C ASN B 99 -5.28 -13.74 -3.32
N ILE B 100 -4.89 -12.58 -2.78
CA ILE B 100 -3.94 -12.63 -1.68
C ILE B 100 -4.59 -13.23 -0.48
N THR B 101 -5.86 -12.90 -0.27
CA THR B 101 -6.55 -13.55 0.84
C THR B 101 -6.52 -15.05 0.73
N ALA B 102 -6.80 -15.56 -0.46
CA ALA B 102 -6.75 -17.03 -0.73
C ALA B 102 -5.37 -17.63 -0.47
N LEU B 103 -4.35 -16.91 -0.93
CA LEU B 103 -2.99 -17.42 -0.81
C LEU B 103 -2.58 -17.48 0.66
N LEU B 104 -3.01 -16.46 1.39
CA LEU B 104 -2.72 -16.42 2.82
C LEU B 104 -3.43 -17.55 3.55
N GLU B 105 -4.62 -17.86 3.10
CA GLU B 105 -5.37 -18.96 3.73
C GLU B 105 -4.67 -20.28 3.46
N GLU B 106 -4.20 -20.45 2.24
CA GLU B 106 -3.46 -21.67 1.89
C GLU B 106 -2.15 -21.76 2.62
N ALA B 107 -1.48 -20.62 2.82
CA ALA B 107 -0.24 -20.65 3.60
C ALA B 107 -0.45 -21.03 5.06
N GLN B 108 -1.56 -20.55 5.62
CA GLN B 108 -1.91 -20.98 6.97
C GLN B 108 -2.14 -22.47 7.04
N ILE B 109 -2.87 -23.04 6.08
CA ILE B 109 -3.05 -24.48 6.12
C ILE B 109 -1.71 -25.22 6.01
N GLN B 110 -0.85 -24.77 5.11
CA GLN B 110 0.45 -25.40 4.95
C GLN B 110 1.24 -25.26 6.25
N GLN B 111 1.10 -24.13 6.96
CA GLN B 111 1.76 -23.97 8.26
C GLN B 111 1.31 -25.03 9.24
N GLU B 112 0.01 -25.26 9.27
CA GLU B 112 -0.52 -26.30 10.13
C GLU B 112 -0.02 -27.69 9.74
N LYS B 113 0.01 -28.00 8.46
CA LYS B 113 0.52 -29.27 7.97
C LYS B 113 1.95 -29.47 8.41
N ASN B 114 2.72 -28.40 8.28
CA ASN B 114 4.14 -28.47 8.68
C ASN B 114 4.31 -28.67 10.17
N MET B 115 3.51 -27.98 10.97
CA MET B 115 3.58 -28.18 12.43
C MET B 115 3.17 -29.61 12.79
N TYR B 116 2.13 -30.10 12.13
CA TYR B 116 1.71 -31.46 12.38
C TYR B 116 2.89 -32.41 12.15
N GLU B 117 3.57 -32.19 11.01
CA GLU B 117 4.68 -33.06 10.65
C GLU B 117 5.83 -32.86 11.62
N LEU B 118 6.04 -31.65 12.07
CA LEU B 118 7.11 -31.42 13.05
C LEU B 118 6.77 -32.17 14.34
N GLN B 119 5.51 -32.17 14.73
CA GLN B 119 5.08 -32.84 15.96
C GLN B 119 5.16 -34.37 15.85
N LYS B 120 5.01 -34.92 14.69
CA LYS B 120 5.04 -36.33 14.36
C LYS B 120 6.52 -36.75 14.29
N LEU B 121 7.42 -35.79 14.08
CA LEU B 121 8.84 -35.96 13.95
C LEU B 121 9.51 -36.84 14.97
N ASN B 122 9.67 -36.43 16.22
CA ASN B 122 10.27 -37.48 17.09
C ASN B 122 9.28 -38.65 17.18
N SER B 123 8.02 -38.33 17.33
CA SER B 123 6.93 -39.27 17.56
C SER B 123 5.70 -38.43 17.96
N GLN C 2 23.36 -34.26 6.43
CA GLN C 2 23.52 -34.18 4.98
C GLN C 2 22.29 -33.58 4.32
N SER C 3 21.27 -33.36 5.16
CA SER C 3 20.25 -32.38 4.79
C SER C 3 20.78 -30.96 4.90
N ARG C 4 22.04 -30.79 5.32
CA ARG C 4 22.72 -29.52 5.53
C ARG C 4 22.63 -28.52 4.39
N THR C 5 22.93 -28.94 3.16
CA THR C 5 22.92 -27.94 2.08
C THR C 5 21.53 -27.41 1.90
N LEU C 6 20.55 -28.33 1.81
CA LEU C 6 19.19 -27.85 1.80
C LEU C 6 18.82 -26.90 2.95
N LEU C 7 19.20 -27.29 4.18
CA LEU C 7 18.86 -26.46 5.33
C LEU C 7 19.48 -25.08 5.18
N ALA C 8 20.71 -25.04 4.65
CA ALA C 8 21.35 -23.71 4.47
C ALA C 8 20.62 -22.96 3.37
N GLY C 9 20.10 -23.69 2.37
CA GLY C 9 19.35 -23.02 1.31
C GLY C 9 18.07 -22.39 1.81
N ILE C 10 17.37 -23.17 2.65
CA ILE C 10 16.14 -22.71 3.29
C ILE C 10 16.37 -21.51 4.22
N VAL C 11 17.38 -21.57 5.07
CA VAL C 11 17.72 -20.40 5.93
C VAL C 11 18.07 -19.18 5.10
N GLN C 12 18.82 -19.39 4.03
CA GLN C 12 19.13 -18.30 3.12
C GLN C 12 17.86 -17.74 2.47
N GLN C 13 16.98 -18.62 2.01
CA GLN C 13 15.72 -18.09 1.45
C GLN C 13 14.87 -17.34 2.46
N GLN C 14 14.85 -17.75 3.73
CA GLN C 14 14.13 -17.02 4.80
C GLN C 14 14.70 -15.63 4.91
N GLN C 15 16.02 -15.53 4.81
CA GLN C 15 16.71 -14.24 4.80
C GLN C 15 16.19 -13.43 3.63
N GLN C 16 16.10 -14.05 2.44
CA GLN C 16 15.71 -13.25 1.28
C GLN C 16 14.29 -12.76 1.42
N LEU C 17 13.43 -13.61 1.96
CA LEU C 17 12.04 -13.24 2.18
C LEU C 17 11.88 -12.12 3.21
N LEU C 18 12.65 -12.23 4.26
CA LEU C 18 12.67 -11.15 5.27
C LEU C 18 13.14 -9.82 4.68
N ASP C 19 14.18 -9.88 3.85
CA ASP C 19 14.67 -8.70 3.16
C ASP C 19 13.57 -8.10 2.25
N VAL C 20 12.84 -8.88 1.52
CA VAL C 20 11.74 -8.45 0.66
C VAL C 20 10.65 -7.76 1.48
N VAL C 21 10.19 -8.38 2.57
CA VAL C 21 9.11 -7.85 3.38
C VAL C 21 9.57 -6.59 4.10
N LYS C 22 10.85 -6.47 4.47
CA LYS C 22 11.34 -5.23 5.09
C LYS C 22 11.28 -4.08 4.09
N ARG C 23 11.65 -4.34 2.82
CA ARG C 23 11.62 -3.31 1.79
C ARG C 23 10.21 -2.98 1.36
N GLN C 24 9.38 -4.03 1.31
CA GLN C 24 7.96 -3.78 1.10
C GLN C 24 7.34 -2.94 2.22
N GLN C 25 7.78 -3.11 3.45
CA GLN C 25 7.24 -2.23 4.52
C GLN C 25 7.67 -0.79 4.34
N GLU C 26 8.89 -0.60 3.86
CA GLU C 26 9.34 0.77 3.60
C GLU C 26 8.50 1.43 2.49
N LEU C 27 8.15 0.61 1.49
CA LEU C 27 7.34 1.11 0.37
C LEU C 27 5.93 1.41 0.87
N LEU C 28 5.42 0.54 1.76
CA LEU C 28 4.08 0.72 2.35
C LEU C 28 4.01 1.98 3.20
N ARG C 29 5.05 2.17 4.03
CA ARG C 29 5.15 3.39 4.83
C ARG C 29 5.15 4.62 3.95
N LEU C 30 5.87 4.59 2.83
CA LEU C 30 5.84 5.80 1.96
C LEU C 30 4.48 6.03 1.32
N THR C 31 3.81 4.93 0.99
CA THR C 31 2.49 5.04 0.38
C THR C 31 1.50 5.60 1.38
N VAL C 32 1.63 5.17 2.64
CA VAL C 32 0.75 5.69 3.70
C VAL C 32 0.98 7.18 3.87
N TRP C 33 2.26 7.57 3.83
CA TRP C 33 2.61 8.98 3.97
C TRP C 33 1.88 9.75 2.87
N GLY C 34 1.97 9.27 1.65
CA GLY C 34 1.36 9.96 0.53
C GLY C 34 -0.16 10.09 0.67
N THR C 35 -0.74 8.98 1.13
CA THR C 35 -2.20 8.98 1.34
C THR C 35 -2.67 10.01 2.36
N LYS C 36 -1.88 10.13 3.43
CA LYS C 36 -2.12 11.13 4.45
C LYS C 36 -1.94 12.55 3.91
N ASN C 37 -0.88 12.78 3.19
CA ASN C 37 -0.64 14.14 2.62
C ASN C 37 -1.78 14.53 1.71
N LEU C 38 -2.22 13.58 0.86
CA LEU C 38 -3.36 13.88 0.02
C LEU C 38 -4.61 14.15 0.83
N GLN C 39 -4.87 13.34 1.84
CA GLN C 39 -6.08 13.55 2.66
C GLN C 39 -6.07 14.94 3.24
N THR C 40 -4.91 15.38 3.76
CA THR C 40 -4.84 16.73 4.34
C THR C 40 -5.16 17.77 3.29
N ARG C 41 -4.61 17.62 2.08
CA ARG C 41 -4.83 18.65 1.04
C ARG C 41 -6.21 18.65 0.43
N VAL C 42 -6.78 17.44 0.27
CA VAL C 42 -8.15 17.37 -0.28
C VAL C 42 -9.09 17.98 0.77
N THR C 43 -8.87 17.68 2.04
CA THR C 43 -9.72 18.24 3.08
C THR C 43 -9.65 19.77 3.07
N ALA C 44 -8.47 20.34 2.82
CA ALA C 44 -8.26 21.79 2.73
C ALA C 44 -9.02 22.41 1.57
N ILE C 45 -8.96 21.70 0.46
CA ILE C 45 -9.73 22.12 -0.73
C ILE C 45 -11.23 22.11 -0.48
N GLU C 46 -11.75 21.04 0.10
CA GLU C 46 -13.18 20.87 0.38
C GLU C 46 -13.63 22.02 1.28
N LYS C 47 -12.81 22.32 2.29
CA LYS C 47 -13.13 23.39 3.23
C LYS C 47 -13.14 24.74 2.53
N TYR C 48 -12.15 24.99 1.71
CA TYR C 48 -12.08 26.22 0.97
C TYR C 48 -13.25 26.42 0.02
N LEU C 49 -13.62 25.38 -0.70
CA LEU C 49 -14.76 25.50 -1.60
C LEU C 49 -16.10 25.71 -0.95
N LYS C 50 -16.36 24.97 0.13
CA LYS C 50 -17.54 25.18 0.94
C LYS C 50 -17.58 26.58 1.53
N ASP C 51 -16.48 27.02 2.10
CA ASP C 51 -16.47 28.36 2.66
C ASP C 51 -16.75 29.43 1.62
N GLN C 52 -16.14 29.26 0.44
CA GLN C 52 -16.28 30.23 -0.62
C GLN C 52 -17.72 30.34 -1.13
N ALA C 53 -18.29 29.14 -1.26
CA ALA C 53 -19.67 29.03 -1.70
C ALA C 53 -20.60 29.70 -0.71
N GLN C 54 -20.36 29.49 0.58
CA GLN C 54 -21.26 30.11 1.55
C GLN C 54 -21.05 31.60 1.60
N LEU C 55 -19.80 32.04 1.55
CA LEU C 55 -19.54 33.48 1.60
C LEU C 55 -20.17 34.12 0.36
N ASN C 56 -20.05 33.47 -0.78
CA ASN C 56 -20.68 34.12 -1.94
C ASN C 56 -22.20 34.14 -1.88
N ALA C 57 -22.79 33.07 -1.35
CA ALA C 57 -24.24 33.03 -1.16
C ALA C 57 -24.67 34.15 -0.21
N TRP C 58 -23.94 34.35 0.87
CA TRP C 58 -24.20 35.43 1.82
C TRP C 58 -24.06 36.80 1.18
N GLY C 59 -22.98 37.03 0.44
CA GLY C 59 -22.83 38.37 -0.13
C GLY C 59 -23.86 38.69 -1.17
N ALA C 60 -24.19 37.73 -2.01
CA ALA C 60 -25.25 37.95 -3.00
C ALA C 60 -26.56 38.29 -2.30
N ALA C 61 -26.80 37.82 -1.08
CA ALA C 61 -28.05 38.08 -0.37
C ALA C 61 -28.03 39.48 0.24
N PHE C 62 -26.82 39.85 0.72
CA PHE C 62 -26.74 41.12 1.43
C PHE C 62 -25.73 42.11 0.88
N ARG C 63 -24.63 41.68 0.30
CA ARG C 63 -23.60 42.45 -0.38
C ARG C 63 -22.83 43.33 0.59
N GLN C 64 -22.54 42.80 1.78
CA GLN C 64 -22.00 43.66 2.82
C GLN C 64 -20.56 43.40 3.21
N VAL C 65 -19.68 43.72 2.28
CA VAL C 65 -18.25 43.90 2.37
C VAL C 65 -17.60 43.35 3.64
N THR C 68 -23.67 33.94 -8.40
CA THR C 68 -22.65 33.40 -9.30
C THR C 68 -22.03 32.12 -8.76
N THR C 69 -22.27 31.69 -7.52
CA THR C 69 -21.58 30.45 -7.10
C THR C 69 -22.57 29.30 -6.95
N VAL C 70 -22.13 28.14 -7.44
CA VAL C 70 -22.77 26.86 -7.30
C VAL C 70 -22.63 26.45 -5.84
N PRO C 71 -23.73 26.21 -5.15
CA PRO C 71 -23.65 25.70 -3.77
C PRO C 71 -22.81 24.44 -3.66
N TRP C 72 -21.94 24.44 -2.63
CA TRP C 72 -21.15 23.26 -2.34
C TRP C 72 -22.19 22.24 -1.89
N PRO C 73 -22.32 21.12 -2.56
CA PRO C 73 -23.46 20.24 -2.35
C PRO C 73 -23.44 19.34 -1.11
N ASN C 74 -22.28 19.12 -0.52
CA ASN C 74 -22.21 18.08 0.51
C ASN C 74 -23.05 18.42 1.73
N ALA C 75 -23.50 17.40 2.43
CA ALA C 75 -24.23 17.63 3.69
C ALA C 75 -23.33 18.32 4.73
N SER C 76 -24.01 19.12 5.52
CA SER C 76 -23.46 19.94 6.58
C SER C 76 -22.44 19.20 7.43
N LEU C 77 -22.82 17.99 7.79
CA LEU C 77 -22.00 17.18 8.68
C LEU C 77 -20.85 16.47 7.98
N THR C 78 -20.70 16.51 6.66
CA THR C 78 -19.66 15.70 6.02
C THR C 78 -18.25 15.91 6.50
N PRO C 79 -17.77 17.14 6.67
CA PRO C 79 -16.36 17.27 7.12
C PRO C 79 -16.11 16.62 8.47
N LYS C 80 -17.01 16.77 9.46
CA LYS C 80 -16.79 16.11 10.76
C LYS C 80 -16.76 14.58 10.57
N TRP C 81 -17.74 14.10 9.77
CA TRP C 81 -17.71 12.64 9.52
C TRP C 81 -16.43 12.18 8.85
N ASN C 82 -15.98 12.94 7.85
CA ASN C 82 -14.75 12.61 7.17
C ASN C 82 -13.58 12.58 8.17
N ASN C 83 -13.56 13.63 8.99
CA ASN C 83 -12.45 13.73 9.93
C ASN C 83 -12.45 12.54 10.89
N GLU C 84 -13.62 12.16 11.43
CA GLU C 84 -13.67 11.05 12.38
C GLU C 84 -13.27 9.76 11.69
N THR C 85 -13.73 9.57 10.46
CA THR C 85 -13.42 8.34 9.73
C THR C 85 -11.90 8.19 9.50
N TRP C 86 -11.24 9.28 9.11
CA TRP C 86 -9.81 9.26 8.86
C TRP C 86 -9.03 9.25 10.15
N GLN C 87 -9.58 9.74 11.25
CA GLN C 87 -8.91 9.60 12.54
C GLN C 87 -8.83 8.13 12.91
N GLU C 88 -9.93 7.42 12.61
CA GLU C 88 -9.95 6.00 12.87
C GLU C 88 -8.99 5.25 11.94
N TRP C 89 -9.00 5.61 10.67
CA TRP C 89 -8.05 5.05 9.68
C TRP C 89 -6.62 5.17 10.18
N GLU C 90 -6.32 6.36 10.68
CA GLU C 90 -4.98 6.70 11.17
C GLU C 90 -4.57 5.83 12.36
N ARG C 91 -5.52 5.67 13.28
CA ARG C 91 -5.30 4.85 14.45
C ARG C 91 -4.98 3.41 14.05
N LYS C 92 -5.74 2.90 13.11
CA LYS C 92 -5.49 1.56 12.60
C LYS C 92 -4.15 1.43 11.86
N VAL C 93 -3.84 2.37 10.99
CA VAL C 93 -2.57 2.37 10.29
C VAL C 93 -1.41 2.43 11.27
N ASP C 94 -1.59 3.31 12.29
CA ASP C 94 -0.52 3.42 13.28
C ASP C 94 -0.31 2.11 14.04
N PHE C 95 -1.40 1.43 14.40
CA PHE C 95 -1.27 0.15 15.10
C PHE C 95 -0.45 -0.79 14.23
N LEU C 96 -0.88 -0.84 12.96
CA LEU C 96 -0.26 -1.81 12.07
C LEU C 96 1.22 -1.57 11.83
N GLU C 97 1.58 -0.31 11.70
CA GLU C 97 3.00 0.05 11.56
C GLU C 97 3.75 -0.34 12.81
N GLU C 98 3.20 -0.10 14.01
CA GLU C 98 3.95 -0.52 15.22
C GLU C 98 4.10 -2.04 15.26
N ASN C 99 2.99 -2.71 14.89
CA ASN C 99 2.95 -4.16 15.02
C ASN C 99 3.87 -4.83 14.03
N ILE C 100 3.80 -4.35 12.78
CA ILE C 100 4.68 -4.96 11.76
C ILE C 100 6.13 -4.68 12.12
N THR C 101 6.48 -3.50 12.62
CA THR C 101 7.88 -3.28 13.02
C THR C 101 8.31 -4.27 14.09
N ALA C 102 7.40 -4.50 15.05
CA ALA C 102 7.73 -5.48 16.09
C ALA C 102 7.88 -6.90 15.56
N LEU C 103 7.04 -7.25 14.60
CA LEU C 103 7.10 -8.60 14.04
C LEU C 103 8.36 -8.79 13.21
N LEU C 104 8.80 -7.74 12.53
CA LEU C 104 10.02 -7.78 11.73
C LEU C 104 11.25 -7.92 12.63
N GLU C 105 11.25 -7.23 13.76
CA GLU C 105 12.36 -7.42 14.69
C GLU C 105 12.36 -8.85 15.22
N GLU C 106 11.19 -9.41 15.56
CA GLU C 106 11.14 -10.81 16.01
C GLU C 106 11.65 -11.75 14.91
N ALA C 107 11.30 -11.48 13.66
CA ALA C 107 11.74 -12.30 12.55
C ALA C 107 13.25 -12.28 12.40
N GLN C 108 13.78 -11.09 12.61
CA GLN C 108 15.23 -10.90 12.48
C GLN C 108 15.92 -11.72 13.58
N ILE C 109 15.39 -11.68 14.79
CA ILE C 109 15.96 -12.43 15.91
C ILE C 109 15.93 -13.92 15.59
N GLN C 110 14.79 -14.36 15.08
CA GLN C 110 14.71 -15.80 14.80
C GLN C 110 15.58 -16.18 13.62
N GLN C 111 15.79 -15.30 12.65
CA GLN C 111 16.75 -15.56 11.58
C GLN C 111 18.15 -15.77 12.11
N GLU C 112 18.59 -14.91 13.04
CA GLU C 112 19.91 -15.05 13.68
C GLU C 112 19.99 -16.34 14.50
N LYS C 113 18.95 -16.74 15.23
CA LYS C 113 18.97 -18.00 15.98
C LYS C 113 19.10 -19.20 15.04
N ASN C 114 18.35 -19.11 13.93
CA ASN C 114 18.42 -20.17 12.90
C ASN C 114 19.83 -20.23 12.32
N MET C 115 20.43 -19.09 12.03
CA MET C 115 21.79 -19.10 11.45
C MET C 115 22.78 -19.71 12.43
N TYR C 116 22.63 -19.35 13.69
CA TYR C 116 23.46 -19.88 14.75
C TYR C 116 23.38 -21.40 14.77
N GLU C 117 22.16 -21.90 14.73
CA GLU C 117 21.96 -23.34 14.79
C GLU C 117 22.47 -24.01 13.55
N LEU C 118 22.30 -23.41 12.41
CA LEU C 118 22.86 -23.92 11.16
C LEU C 118 24.37 -23.96 11.29
N GLN C 119 25.03 -22.93 11.85
CA GLN C 119 26.51 -22.98 11.93
C GLN C 119 27.03 -24.04 12.89
N LYS C 120 26.21 -24.41 13.87
CA LYS C 120 26.71 -25.40 14.82
C LYS C 120 26.42 -26.83 14.41
N LEU C 121 25.35 -27.01 13.64
CA LEU C 121 25.00 -28.43 13.40
C LEU C 121 26.03 -28.95 12.42
N ASN C 122 26.44 -28.13 11.48
CA ASN C 122 27.44 -28.54 10.50
C ASN C 122 28.86 -28.47 11.04
N SER C 123 29.09 -28.11 12.32
CA SER C 123 30.48 -27.90 12.76
C SER C 123 30.85 -28.58 14.06
HG HG D . 8.51 -24.72 -7.43
C1 MRD E . -3.11 1.27 -12.90
C2 MRD E . -3.74 1.17 -14.28
O2 MRD E . -3.64 -0.17 -14.82
CM MRD E . -5.21 1.52 -14.18
C3 MRD E . -2.98 2.06 -15.26
C4 MRD E . -1.46 1.77 -15.33
O4 MRD E . -0.94 2.97 -15.93
C5 MRD E . -1.27 0.66 -16.36
HG HG F . -7.64 -7.79 -15.18
CL CL G . -12.67 17.30 -15.56
CL CL H . -17.74 19.02 2.87
CL CL I . 3.40 8.82 7.82
C1 MRD J . -10.41 2.67 7.59
C2 MRD J . -11.69 2.87 8.37
O2 MRD J . -11.97 1.68 9.10
CM MRD J . -11.57 3.99 9.40
C3 MRD J . -12.86 3.09 7.43
C4 MRD J . -13.79 1.92 7.17
O4 MRD J . -13.12 0.68 7.39
C5 MRD J . -14.37 1.99 5.78
#